data_2CWK
#
_entry.id   2CWK
#
_cell.length_a   116.065
_cell.length_b   116.065
_cell.length_c   192.833
_cell.angle_alpha   90.00
_cell.angle_beta   90.00
_cell.angle_gamma   120.00
#
_symmetry.space_group_name_H-M   'H 3 2'
#
loop_
_entity.id
_entity.type
_entity.pdbx_description
1 polymer 'nucleoside-diphosphate kinase'
2 water water
#
_entity_poly.entity_id   1
_entity_poly.type   'polypeptide(L)'
_entity_poly.pdbx_seq_one_letter_code
;MFQMSETERTLVIIKPDAVVRGLIGEIISRFEKKGLKIVGMKMIWIDRELAEKHYEEHREKPFFKALIDYITKTPVVVMV
LEGRYAVEVVRKMAGATDPKDAAPGTIRGDFGLEVSDAICNVIHASDSKESAEREISLFFKPEELFEYPRAADWFYKKGI
;
_entity_poly.pdbx_strand_id   A,B
#
# COMPACT_ATOMS: atom_id res chain seq x y z
N GLU A 6 16.56 -6.10 18.85
CA GLU A 6 16.98 -4.98 17.96
C GLU A 6 15.83 -4.60 17.03
N THR A 7 14.83 -5.46 16.95
CA THR A 7 13.67 -5.22 16.09
C THR A 7 12.85 -4.04 16.59
N GLU A 8 12.49 -3.14 15.68
CA GLU A 8 11.71 -1.96 16.03
C GLU A 8 10.67 -1.69 14.95
N ARG A 9 9.73 -0.82 15.27
CA ARG A 9 8.69 -0.43 14.32
C ARG A 9 8.82 1.08 14.13
N THR A 10 8.69 1.53 12.89
CA THR A 10 8.76 2.95 12.62
C THR A 10 7.62 3.32 11.68
N LEU A 11 7.23 4.59 11.66
CA LEU A 11 6.13 5.02 10.82
C LEU A 11 6.61 5.80 9.61
N VAL A 12 6.06 5.45 8.45
CA VAL A 12 6.39 6.14 7.22
C VAL A 12 5.10 6.68 6.64
N ILE A 13 5.17 7.89 6.09
CA ILE A 13 4.00 8.47 5.43
C ILE A 13 4.44 8.77 4.02
N ILE A 14 3.75 8.18 3.04
CA ILE A 14 4.05 8.46 1.65
C ILE A 14 3.19 9.71 1.43
N LYS A 15 3.87 10.85 1.36
CA LYS A 15 3.21 12.16 1.24
C LYS A 15 2.48 12.44 -0.06
N PRO A 16 1.62 13.48 -0.06
CA PRO A 16 0.84 13.88 -1.23
C PRO A 16 1.61 13.98 -2.54
N ASP A 17 2.82 14.52 -2.50
CA ASP A 17 3.58 14.63 -3.74
C ASP A 17 3.88 13.26 -4.32
N ALA A 18 4.17 12.28 -3.46
CA ALA A 18 4.47 10.92 -3.91
C ALA A 18 3.22 10.22 -4.43
N VAL A 19 2.09 10.44 -3.75
CA VAL A 19 0.83 9.83 -4.16
C VAL A 19 0.40 10.37 -5.52
N VAL A 20 0.43 11.70 -5.66
CA VAL A 20 0.05 12.34 -6.91
C VAL A 20 0.94 11.91 -8.07
N ARG A 21 2.24 11.73 -7.79
CA ARG A 21 3.18 11.34 -8.84
C ARG A 21 3.21 9.84 -9.15
N GLY A 22 2.41 9.05 -8.45
CA GLY A 22 2.36 7.63 -8.70
C GLY A 22 3.62 6.87 -8.28
N LEU A 23 4.16 7.24 -7.12
CA LEU A 23 5.37 6.61 -6.61
C LEU A 23 5.16 5.69 -5.40
N ILE A 24 3.90 5.42 -5.05
CA ILE A 24 3.61 4.56 -3.91
C ILE A 24 4.30 3.20 -4.03
N GLY A 25 4.13 2.56 -5.18
CA GLY A 25 4.72 1.26 -5.41
C GLY A 25 6.23 1.21 -5.32
N GLU A 26 6.90 2.15 -6.00
CA GLU A 26 8.35 2.19 -5.99
C GLU A 26 8.92 2.36 -4.58
N ILE A 27 8.28 3.21 -3.79
CA ILE A 27 8.72 3.44 -2.42
C ILE A 27 8.56 2.18 -1.59
N ILE A 28 7.39 1.56 -1.66
CA ILE A 28 7.15 0.33 -0.89
C ILE A 28 8.14 -0.76 -1.27
N SER A 29 8.43 -0.89 -2.56
CA SER A 29 9.37 -1.91 -3.02
C SER A 29 10.74 -1.75 -2.40
N ARG A 30 11.18 -0.52 -2.21
CA ARG A 30 12.49 -0.30 -1.61
C ARG A 30 12.54 -0.84 -0.20
N PHE A 31 11.46 -0.68 0.55
CA PHE A 31 11.42 -1.17 1.91
C PHE A 31 11.34 -2.70 1.92
N GLU A 32 10.54 -3.26 1.02
CA GLU A 32 10.41 -4.71 0.93
C GLU A 32 11.71 -5.40 0.54
N LYS A 33 12.42 -4.85 -0.44
CA LYS A 33 13.66 -5.47 -0.88
C LYS A 33 14.76 -5.36 0.18
N LYS A 34 14.67 -4.37 1.06
CA LYS A 34 15.64 -4.18 2.13
C LYS A 34 15.45 -5.29 3.16
N GLY A 35 14.23 -5.82 3.22
CA GLY A 35 13.93 -6.87 4.17
C GLY A 35 12.98 -6.40 5.27
N LEU A 36 12.55 -5.14 5.18
CA LEU A 36 11.63 -4.58 6.16
C LEU A 36 10.23 -5.14 5.94
N LYS A 37 9.49 -5.32 7.03
CA LYS A 37 8.15 -5.88 6.97
C LYS A 37 7.07 -4.83 7.18
N ILE A 38 6.06 -4.84 6.31
CA ILE A 38 4.94 -3.90 6.44
C ILE A 38 3.96 -4.57 7.40
N VAL A 39 3.78 -4.00 8.59
CA VAL A 39 2.87 -4.58 9.55
C VAL A 39 1.55 -3.82 9.66
N GLY A 40 1.47 -2.70 8.95
CA GLY A 40 0.25 -1.91 8.96
C GLY A 40 0.32 -0.92 7.81
N MET A 41 -0.82 -0.63 7.20
CA MET A 41 -0.83 0.32 6.08
C MET A 41 -2.23 0.67 5.65
N LYS A 42 -2.42 1.92 5.25
CA LYS A 42 -3.71 2.38 4.79
C LYS A 42 -3.63 3.75 4.15
N MET A 43 -4.52 3.98 3.19
CA MET A 43 -4.59 5.27 2.54
C MET A 43 -5.65 6.05 3.31
N ILE A 44 -5.28 7.25 3.75
CA ILE A 44 -6.19 8.10 4.50
C ILE A 44 -6.01 9.52 4.02
N TRP A 45 -6.96 10.39 4.34
CA TRP A 45 -6.83 11.79 3.97
C TRP A 45 -6.81 12.52 5.30
N ILE A 46 -5.62 12.94 5.70
CA ILE A 46 -5.42 13.62 6.97
C ILE A 46 -6.07 15.01 6.99
N ASP A 47 -6.84 15.29 8.04
CA ASP A 47 -7.45 16.61 8.15
C ASP A 47 -6.49 17.48 8.97
N ARG A 48 -6.76 18.78 9.00
CA ARG A 48 -5.87 19.68 9.72
C ARG A 48 -5.64 19.32 11.19
N GLU A 49 -6.69 18.92 11.90
CA GLU A 49 -6.54 18.57 13.31
C GLU A 49 -5.56 17.42 13.53
N LEU A 50 -5.68 16.37 12.72
CA LEU A 50 -4.79 15.22 12.85
C LEU A 50 -3.38 15.60 12.41
N ALA A 51 -3.27 16.41 11.36
CA ALA A 51 -1.98 16.85 10.86
C ALA A 51 -1.25 17.66 11.93
N GLU A 52 -1.97 18.56 12.59
CA GLU A 52 -1.35 19.40 13.61
C GLU A 52 -0.92 18.59 14.82
N LYS A 53 -1.57 17.47 15.07
CA LYS A 53 -1.19 16.62 16.21
C LYS A 53 0.09 15.90 15.84
N HIS A 54 0.17 15.42 14.60
CA HIS A 54 1.35 14.72 14.13
C HIS A 54 2.57 15.65 14.19
N TYR A 55 2.39 16.88 13.75
CA TYR A 55 3.46 17.87 13.73
C TYR A 55 3.40 18.85 14.90
N GLU A 56 2.84 18.40 16.03
CA GLU A 56 2.70 19.25 17.21
C GLU A 56 3.98 19.97 17.65
N GLU A 57 5.14 19.35 17.43
CA GLU A 57 6.40 19.95 17.84
C GLU A 57 6.73 21.23 17.05
N HIS A 58 6.08 21.42 15.91
CA HIS A 58 6.32 22.58 15.06
C HIS A 58 5.22 23.63 15.12
N ARG A 59 4.26 23.44 16.01
CA ARG A 59 3.13 24.35 16.13
C ARG A 59 3.45 25.84 16.23
N GLU A 60 4.52 26.19 16.94
CA GLU A 60 4.88 27.59 17.11
C GLU A 60 5.80 28.17 16.03
N LYS A 61 6.17 27.36 15.06
CA LYS A 61 7.05 27.82 13.99
C LYS A 61 6.28 28.42 12.82
N PRO A 62 6.87 29.42 12.14
CA PRO A 62 6.23 30.09 10.99
C PRO A 62 5.91 29.19 9.79
N PHE A 63 6.66 28.11 9.62
CA PHE A 63 6.42 27.21 8.48
C PHE A 63 5.30 26.21 8.75
N PHE A 64 4.77 26.24 9.96
CA PHE A 64 3.71 25.31 10.36
C PHE A 64 2.52 25.25 9.41
N LYS A 65 1.91 26.40 9.12
CA LYS A 65 0.75 26.43 8.25
C LYS A 65 1.00 25.77 6.88
N ALA A 66 2.12 26.11 6.25
CA ALA A 66 2.45 25.54 4.95
C ALA A 66 2.68 24.04 5.03
N LEU A 67 3.21 23.58 6.16
CA LEU A 67 3.46 22.17 6.36
C LEU A 67 2.14 21.42 6.47
N ILE A 68 1.19 22.01 7.18
CA ILE A 68 -0.12 21.40 7.34
C ILE A 68 -0.84 21.38 6.00
N ASP A 69 -0.72 22.47 5.24
CA ASP A 69 -1.36 22.55 3.92
C ASP A 69 -0.83 21.42 3.03
N TYR A 70 0.48 21.20 3.10
CA TYR A 70 1.13 20.19 2.29
C TYR A 70 0.69 18.76 2.62
N ILE A 71 0.78 18.39 3.90
CA ILE A 71 0.44 17.04 4.30
C ILE A 71 -1.04 16.68 4.16
N THR A 72 -1.90 17.69 4.04
CA THR A 72 -3.33 17.45 3.90
C THR A 72 -3.83 17.73 2.48
N LYS A 73 -2.92 18.00 1.56
CA LYS A 73 -3.28 18.33 0.19
C LYS A 73 -4.07 17.24 -0.54
N THR A 74 -3.65 16.00 -0.39
CA THR A 74 -4.33 14.85 -1.01
C THR A 74 -4.20 13.67 -0.04
N PRO A 75 -4.82 12.53 -0.37
CA PRO A 75 -4.69 11.38 0.54
C PRO A 75 -3.22 10.98 0.58
N VAL A 76 -2.82 10.30 1.65
CA VAL A 76 -1.46 9.83 1.81
C VAL A 76 -1.55 8.35 2.18
N VAL A 77 -0.41 7.68 2.22
CA VAL A 77 -0.41 6.28 2.62
C VAL A 77 0.44 6.23 3.89
N VAL A 78 -0.19 5.84 5.00
CA VAL A 78 0.56 5.73 6.24
C VAL A 78 0.85 4.26 6.42
N MET A 79 2.07 3.92 6.82
CA MET A 79 2.41 2.53 7.01
C MET A 79 3.43 2.36 8.11
N VAL A 80 3.41 1.18 8.71
CA VAL A 80 4.32 0.85 9.79
C VAL A 80 5.28 -0.21 9.29
N LEU A 81 6.58 0.07 9.42
CA LEU A 81 7.61 -0.85 9.00
C LEU A 81 8.30 -1.46 10.22
N GLU A 82 8.54 -2.75 10.15
CA GLU A 82 9.18 -3.47 11.24
C GLU A 82 10.46 -4.15 10.78
N GLY A 83 11.51 -4.02 11.57
CA GLY A 83 12.78 -4.65 11.22
C GLY A 83 13.90 -4.26 12.17
N ARG A 84 15.05 -4.89 11.96
CA ARG A 84 16.24 -4.63 12.76
C ARG A 84 16.60 -3.16 12.66
N TYR A 85 16.63 -2.46 13.80
CA TYR A 85 16.96 -1.04 13.84
C TYR A 85 16.20 -0.26 12.75
N ALA A 86 14.93 -0.59 12.59
CA ALA A 86 14.11 0.04 11.56
C ALA A 86 14.06 1.57 11.57
N VAL A 87 14.01 2.17 12.76
CA VAL A 87 13.95 3.63 12.82
C VAL A 87 15.11 4.32 12.12
N GLU A 88 16.33 4.02 12.53
CA GLU A 88 17.48 4.66 11.91
C GLU A 88 17.71 4.20 10.47
N VAL A 89 17.41 2.93 10.20
CA VAL A 89 17.59 2.41 8.86
C VAL A 89 16.66 3.10 7.85
N VAL A 90 15.41 3.32 8.24
CA VAL A 90 14.47 3.98 7.32
C VAL A 90 14.86 5.44 7.11
N ARG A 91 15.35 6.09 8.18
CA ARG A 91 15.78 7.48 8.05
C ARG A 91 16.93 7.55 7.05
N LYS A 92 17.82 6.56 7.11
CA LYS A 92 18.97 6.50 6.21
C LYS A 92 18.49 6.29 4.77
N MET A 93 17.50 5.41 4.60
CA MET A 93 16.96 5.12 3.27
C MET A 93 16.25 6.35 2.70
N ALA A 94 15.65 7.15 3.58
CA ALA A 94 14.92 8.35 3.16
C ALA A 94 15.86 9.41 2.58
N GLY A 95 16.99 9.63 3.25
CA GLY A 95 17.94 10.63 2.79
C GLY A 95 17.69 12.00 3.40
N ALA A 96 18.54 12.96 3.03
CA ALA A 96 18.44 14.34 3.54
C ALA A 96 17.04 14.92 3.46
N THR A 97 16.68 15.71 4.49
CA THR A 97 15.38 16.35 4.59
C THR A 97 14.98 17.11 3.32
N ASP A 98 15.89 17.92 2.79
CA ASP A 98 15.61 18.65 1.56
C ASP A 98 16.15 17.75 0.46
N PRO A 99 15.27 17.25 -0.42
CA PRO A 99 15.68 16.35 -1.51
C PRO A 99 16.86 16.82 -2.36
N LYS A 100 17.05 18.12 -2.50
CA LYS A 100 18.17 18.61 -3.31
C LYS A 100 19.50 18.19 -2.69
N ASP A 101 19.51 18.00 -1.37
CA ASP A 101 20.73 17.59 -0.65
C ASP A 101 20.84 16.08 -0.48
N ALA A 102 19.78 15.35 -0.79
CA ALA A 102 19.75 13.89 -0.63
C ALA A 102 20.64 13.16 -1.63
N ALA A 103 21.38 12.18 -1.14
CA ALA A 103 22.27 11.40 -1.98
C ALA A 103 21.56 10.47 -2.95
N PRO A 104 22.11 10.31 -4.16
CA PRO A 104 21.50 9.43 -5.15
C PRO A 104 21.47 8.04 -4.49
N GLY A 105 20.39 7.31 -4.66
CA GLY A 105 20.28 6.00 -4.03
C GLY A 105 19.25 6.02 -2.92
N THR A 106 19.07 7.19 -2.29
CA THR A 106 18.08 7.32 -1.24
C THR A 106 16.73 7.64 -1.90
N ILE A 107 15.64 7.49 -1.16
CA ILE A 107 14.32 7.77 -1.70
C ILE A 107 14.19 9.24 -2.10
N ARG A 108 14.56 10.14 -1.21
CA ARG A 108 14.48 11.56 -1.54
C ARG A 108 15.50 11.94 -2.61
N GLY A 109 16.66 11.31 -2.56
CA GLY A 109 17.69 11.60 -3.55
C GLY A 109 17.28 11.19 -4.97
N ASP A 110 16.57 10.08 -5.09
CA ASP A 110 16.16 9.61 -6.40
C ASP A 110 14.84 10.18 -6.92
N PHE A 111 13.92 10.51 -6.01
CA PHE A 111 12.61 11.00 -6.43
C PHE A 111 12.22 12.44 -6.10
N GLY A 112 12.91 13.08 -5.17
CA GLY A 112 12.53 14.44 -4.82
C GLY A 112 13.42 15.56 -5.28
N LEU A 113 12.84 16.75 -5.42
CA LEU A 113 13.59 17.93 -5.83
C LEU A 113 12.76 19.20 -5.74
N GLU A 114 11.67 19.24 -6.49
CA GLU A 114 10.80 20.41 -6.52
C GLU A 114 10.07 20.66 -5.22
N VAL A 115 9.84 21.93 -4.90
CA VAL A 115 9.16 22.29 -3.67
C VAL A 115 8.05 23.30 -3.94
N SER A 116 7.13 23.40 -2.99
CA SER A 116 6.01 24.34 -3.07
C SER A 116 6.32 25.37 -1.99
N ASP A 117 5.32 25.77 -1.22
CA ASP A 117 5.59 26.71 -0.12
C ASP A 117 6.26 25.88 0.96
N ALA A 118 6.07 24.57 0.88
CA ALA A 118 6.66 23.63 1.83
C ALA A 118 7.76 22.85 1.12
N ILE A 119 8.68 22.27 1.88
CA ILE A 119 9.77 21.51 1.29
C ILE A 119 9.28 20.09 1.03
N CYS A 120 8.62 19.89 -0.10
CA CYS A 120 8.07 18.58 -0.48
C CYS A 120 9.21 17.58 -0.51
N ASN A 121 9.11 16.52 0.28
CA ASN A 121 10.18 15.55 0.31
C ASN A 121 9.80 14.07 0.26
N VAL A 122 8.77 13.78 -0.51
CA VAL A 122 8.32 12.42 -0.78
C VAL A 122 7.74 11.58 0.35
N ILE A 123 8.51 11.42 1.43
CA ILE A 123 8.02 10.63 2.56
C ILE A 123 8.39 11.23 3.91
N HIS A 124 7.72 10.72 4.94
CA HIS A 124 7.97 11.09 6.32
C HIS A 124 8.51 9.81 6.93
N ALA A 125 9.47 9.93 7.84
CA ALA A 125 10.02 8.77 8.54
C ALA A 125 10.19 9.22 9.98
N SER A 126 9.73 8.41 10.93
CA SER A 126 9.84 8.74 12.35
C SER A 126 11.30 9.05 12.67
N ASP A 127 11.55 10.09 13.45
CA ASP A 127 12.93 10.46 13.77
C ASP A 127 13.55 9.79 14.97
N SER A 128 12.78 8.95 15.66
CA SER A 128 13.27 8.23 16.83
C SER A 128 12.24 7.19 17.25
N LYS A 129 12.65 6.28 18.14
CA LYS A 129 11.73 5.25 18.62
C LYS A 129 10.58 5.89 19.38
N GLU A 130 10.88 6.94 20.14
CA GLU A 130 9.86 7.64 20.92
C GLU A 130 8.83 8.26 19.98
N SER A 131 9.31 8.91 18.93
CA SER A 131 8.41 9.55 17.97
C SER A 131 7.62 8.50 17.21
N ALA A 132 8.27 7.39 16.88
CA ALA A 132 7.60 6.31 16.14
C ALA A 132 6.41 5.79 16.95
N GLU A 133 6.64 5.54 18.24
CA GLU A 133 5.59 5.03 19.11
C GLU A 133 4.42 6.01 19.15
N ARG A 134 4.73 7.29 19.29
CA ARG A 134 3.70 8.33 19.34
C ARG A 134 2.93 8.39 18.02
N GLU A 135 3.65 8.43 16.92
CA GLU A 135 3.05 8.51 15.59
C GLU A 135 2.23 7.29 15.22
N ILE A 136 2.73 6.10 15.55
CA ILE A 136 2.00 4.88 15.23
C ILE A 136 0.68 4.85 15.99
N SER A 137 0.70 5.30 17.25
CA SER A 137 -0.50 5.35 18.07
C SER A 137 -1.49 6.38 17.54
N LEU A 138 -0.96 7.44 16.93
CA LEU A 138 -1.80 8.50 16.37
C LEU A 138 -2.61 8.05 15.16
N PHE A 139 -1.96 7.31 14.27
CA PHE A 139 -2.60 6.86 13.04
C PHE A 139 -3.21 5.47 13.03
N PHE A 140 -2.73 4.58 13.88
CA PHE A 140 -3.24 3.21 13.90
C PHE A 140 -3.82 2.72 15.21
N LYS A 141 -4.80 1.83 15.10
CA LYS A 141 -5.40 1.20 16.26
C LYS A 141 -4.64 -0.12 16.33
N PRO A 142 -4.49 -0.69 17.52
CA PRO A 142 -3.77 -1.95 17.67
C PRO A 142 -4.23 -3.07 16.73
N GLU A 143 -5.52 -3.13 16.46
CA GLU A 143 -6.08 -4.16 15.59
C GLU A 143 -5.69 -4.00 14.13
N GLU A 144 -5.02 -2.89 13.80
CA GLU A 144 -4.60 -2.62 12.42
C GLU A 144 -3.12 -2.95 12.21
N LEU A 145 -2.47 -3.46 13.25
CA LEU A 145 -1.05 -3.81 13.18
C LEU A 145 -0.92 -5.33 13.32
N PHE A 146 -0.19 -5.95 12.40
CA PHE A 146 -0.08 -7.40 12.40
C PHE A 146 1.28 -8.04 12.58
N GLU A 147 1.27 -9.26 13.11
CA GLU A 147 2.48 -10.05 13.31
C GLU A 147 2.30 -11.26 12.43
N TYR A 148 3.14 -11.37 11.40
CA TYR A 148 3.05 -12.48 10.47
C TYR A 148 4.42 -12.71 9.84
N PRO A 149 4.61 -13.86 9.20
CA PRO A 149 5.91 -14.14 8.59
C PRO A 149 6.13 -13.70 7.16
N ARG A 150 7.31 -13.13 6.90
CA ARG A 150 7.69 -12.76 5.55
C ARG A 150 8.40 -14.03 5.11
N ALA A 151 8.50 -14.26 3.81
CA ALA A 151 9.12 -15.47 3.28
C ALA A 151 10.41 -15.96 3.92
N ALA A 152 11.41 -15.09 4.00
CA ALA A 152 12.71 -15.48 4.54
C ALA A 152 12.92 -15.39 6.05
N ASP A 153 11.88 -15.08 6.81
CA ASP A 153 12.04 -14.94 8.25
C ASP A 153 12.74 -16.14 8.89
N TRP A 154 12.37 -17.34 8.47
CA TRP A 154 12.96 -18.57 9.03
C TRP A 154 14.48 -18.64 8.89
N PHE A 155 15.01 -18.05 7.82
CA PHE A 155 16.44 -18.05 7.57
C PHE A 155 17.25 -17.46 8.71
N TYR A 156 16.72 -16.40 9.32
CA TYR A 156 17.44 -15.70 10.38
C TYR A 156 17.22 -16.20 11.80
N LYS A 157 16.46 -17.28 11.95
CA LYS A 157 16.19 -17.83 13.28
C LYS A 157 17.51 -17.92 14.04
N LYS A 158 17.69 -17.00 14.97
CA LYS A 158 18.90 -16.92 15.79
C LYS A 158 18.91 -17.96 16.88
N GLU B 6 -16.00 4.37 -20.00
CA GLU B 6 -16.15 5.30 -18.85
C GLU B 6 -15.30 4.87 -17.65
N THR B 7 -15.20 5.76 -16.68
CA THR B 7 -14.43 5.49 -15.47
C THR B 7 -15.14 4.50 -14.56
N GLU B 8 -14.40 3.49 -14.11
CA GLU B 8 -14.95 2.45 -13.23
C GLU B 8 -13.99 2.23 -12.07
N ARG B 9 -14.48 1.54 -11.05
CA ARG B 9 -13.68 1.20 -9.88
C ARG B 9 -13.71 -0.31 -9.75
N THR B 10 -12.57 -0.90 -9.44
CA THR B 10 -12.51 -2.35 -9.27
C THR B 10 -11.71 -2.67 -8.01
N LEU B 11 -11.95 -3.85 -7.46
CA LEU B 11 -11.27 -4.29 -6.25
C LEU B 11 -10.11 -5.22 -6.56
N VAL B 12 -8.97 -4.96 -5.93
CA VAL B 12 -7.82 -5.82 -6.09
C VAL B 12 -7.38 -6.24 -4.70
N ILE B 13 -7.00 -7.51 -4.56
CA ILE B 13 -6.50 -8.01 -3.30
C ILE B 13 -5.11 -8.56 -3.59
N ILE B 14 -4.11 -8.03 -2.90
CA ILE B 14 -2.76 -8.55 -3.05
C ILE B 14 -2.78 -9.68 -2.03
N LYS B 15 -2.85 -10.91 -2.52
CA LYS B 15 -2.96 -12.10 -1.67
C LYS B 15 -1.76 -12.43 -0.79
N PRO B 16 -1.95 -13.31 0.21
CA PRO B 16 -0.90 -13.71 1.13
C PRO B 16 0.42 -14.14 0.48
N ASP B 17 0.36 -14.85 -0.65
CA ASP B 17 1.59 -15.26 -1.29
C ASP B 17 2.39 -14.05 -1.74
N ALA B 18 1.70 -13.04 -2.26
CA ALA B 18 2.38 -11.83 -2.72
C ALA B 18 2.94 -11.03 -1.54
N VAL B 19 2.19 -10.96 -0.45
CA VAL B 19 2.62 -10.21 0.73
C VAL B 19 3.86 -10.88 1.34
N VAL B 20 3.77 -12.20 1.53
CA VAL B 20 4.88 -12.97 2.10
C VAL B 20 6.15 -12.84 1.25
N ARG B 21 6.00 -12.83 -0.06
CA ARG B 21 7.14 -12.73 -0.97
C ARG B 21 7.65 -11.32 -1.21
N GLY B 22 7.04 -10.33 -0.55
CA GLY B 22 7.47 -8.95 -0.72
C GLY B 22 7.24 -8.35 -2.10
N LEU B 23 6.07 -8.63 -2.68
CA LEU B 23 5.74 -8.13 -4.01
C LEU B 23 4.70 -7.01 -4.01
N ILE B 24 4.33 -6.52 -2.83
CA ILE B 24 3.33 -5.47 -2.73
C ILE B 24 3.67 -4.27 -3.61
N GLY B 25 4.86 -3.71 -3.40
CA GLY B 25 5.27 -2.55 -4.17
C GLY B 25 5.32 -2.76 -5.67
N GLU B 26 5.88 -3.89 -6.09
CA GLU B 26 6.01 -4.22 -7.50
C GLU B 26 4.64 -4.25 -8.18
N ILE B 27 3.66 -4.83 -7.49
CA ILE B 27 2.31 -4.93 -8.02
C ILE B 27 1.65 -3.56 -8.11
N ILE B 28 1.73 -2.79 -7.02
CA ILE B 28 1.13 -1.46 -7.01
C ILE B 28 1.73 -0.57 -8.11
N SER B 29 3.04 -0.66 -8.31
CA SER B 29 3.70 0.15 -9.34
C SER B 29 3.15 -0.13 -10.73
N ARG B 30 2.77 -1.37 -11.00
CA ARG B 30 2.24 -1.70 -12.31
C ARG B 30 0.92 -0.99 -12.56
N PHE B 31 0.11 -0.86 -11.51
CA PHE B 31 -1.16 -0.17 -11.66
C PHE B 31 -0.94 1.33 -11.80
N GLU B 32 -0.03 1.88 -11.01
CA GLU B 32 0.27 3.31 -11.06
C GLU B 32 0.83 3.74 -12.41
N LYS B 33 1.74 2.95 -12.97
CA LYS B 33 2.34 3.32 -14.25
C LYS B 33 1.33 3.18 -15.40
N LYS B 34 0.30 2.37 -15.20
CA LYS B 34 -0.73 2.16 -16.22
C LYS B 34 -1.62 3.41 -16.28
N GLY B 35 -1.64 4.15 -15.18
CA GLY B 35 -2.47 5.35 -15.13
C GLY B 35 -3.64 5.19 -14.19
N LEU B 36 -3.77 4.01 -13.59
CA LEU B 36 -4.86 3.74 -12.66
C LEU B 36 -4.63 4.48 -11.35
N LYS B 37 -5.71 4.91 -10.72
CA LYS B 37 -5.66 5.66 -9.47
C LYS B 37 -6.09 4.82 -8.28
N ILE B 38 -5.30 4.85 -7.21
CA ILE B 38 -5.64 4.12 -6.00
C ILE B 38 -6.54 5.07 -5.21
N VAL B 39 -7.81 4.71 -5.06
CA VAL B 39 -8.74 5.56 -4.32
C VAL B 39 -9.02 5.02 -2.92
N GLY B 40 -8.49 3.83 -2.64
CA GLY B 40 -8.67 3.23 -1.34
C GLY B 40 -7.68 2.09 -1.17
N MET B 41 -7.14 1.92 0.03
CA MET B 41 -6.19 0.85 0.26
C MET B 41 -5.89 0.66 1.73
N LYS B 42 -5.66 -0.59 2.13
CA LYS B 42 -5.34 -0.89 3.51
C LYS B 42 -4.90 -2.33 3.68
N MET B 43 -4.03 -2.56 4.67
CA MET B 43 -3.60 -3.92 4.95
C MET B 43 -4.54 -4.42 6.02
N ILE B 44 -5.13 -5.59 5.79
CA ILE B 44 -6.05 -6.19 6.73
C ILE B 44 -5.77 -7.68 6.80
N TRP B 45 -6.23 -8.34 7.85
CA TRP B 45 -6.06 -9.79 7.96
C TRP B 45 -7.50 -10.29 7.91
N ILE B 46 -7.89 -10.79 6.75
CA ILE B 46 -9.25 -11.28 6.52
C ILE B 46 -9.60 -12.46 7.42
N ASP B 47 -10.77 -12.39 8.04
CA ASP B 47 -11.25 -13.46 8.91
C ASP B 47 -12.02 -14.45 8.03
N ARG B 48 -12.22 -15.67 8.52
CA ARG B 48 -12.89 -16.67 7.71
C ARG B 48 -14.29 -16.27 7.24
N GLU B 49 -15.08 -15.66 8.10
CA GLU B 49 -16.42 -15.25 7.70
C GLU B 49 -16.41 -14.22 6.57
N LEU B 50 -15.48 -13.27 6.64
CA LEU B 50 -15.38 -12.25 5.59
C LEU B 50 -14.92 -12.90 4.29
N ALA B 51 -13.96 -13.83 4.39
CA ALA B 51 -13.45 -14.52 3.22
C ALA B 51 -14.55 -15.32 2.54
N GLU B 52 -15.41 -15.96 3.34
CA GLU B 52 -16.49 -16.76 2.77
C GLU B 52 -17.53 -15.88 2.10
N LYS B 53 -17.66 -14.64 2.55
CA LYS B 53 -18.61 -13.71 1.94
C LYS B 53 -18.02 -13.29 0.59
N HIS B 54 -16.72 -13.00 0.58
CA HIS B 54 -16.05 -12.61 -0.64
C HIS B 54 -16.18 -13.71 -1.70
N TYR B 55 -15.98 -14.95 -1.28
CA TYR B 55 -16.06 -16.09 -2.20
C TYR B 55 -17.38 -16.85 -2.11
N GLU B 56 -18.46 -16.14 -1.78
CA GLU B 56 -19.78 -16.75 -1.66
C GLU B 56 -20.20 -17.62 -2.84
N GLU B 57 -19.79 -17.25 -4.04
CA GLU B 57 -20.16 -18.01 -5.24
C GLU B 57 -19.62 -19.44 -5.25
N HIS B 58 -18.58 -19.70 -4.45
CA HIS B 58 -17.96 -21.02 -4.41
C HIS B 58 -18.28 -21.83 -3.15
N ARG B 59 -19.18 -21.33 -2.32
CA ARG B 59 -19.54 -21.98 -1.07
C ARG B 59 -19.90 -23.47 -1.15
N GLU B 60 -20.51 -23.90 -2.24
CA GLU B 60 -20.90 -25.30 -2.37
C GLU B 60 -19.89 -26.17 -3.12
N LYS B 61 -18.69 -25.64 -3.35
CA LYS B 61 -17.67 -26.37 -4.08
C LYS B 61 -16.57 -26.98 -3.20
N PRO B 62 -16.04 -28.15 -3.63
CA PRO B 62 -14.98 -28.90 -2.94
C PRO B 62 -13.69 -28.13 -2.65
N PHE B 63 -13.39 -27.12 -3.44
CA PHE B 63 -12.17 -26.35 -3.26
C PHE B 63 -12.36 -25.12 -2.38
N PHE B 64 -13.58 -24.93 -1.89
CA PHE B 64 -13.92 -23.77 -1.06
C PHE B 64 -13.04 -23.60 0.18
N LYS B 65 -12.92 -24.63 1.00
CA LYS B 65 -12.12 -24.51 2.21
C LYS B 65 -10.67 -24.09 1.93
N ALA B 66 -10.05 -24.70 0.94
CA ALA B 66 -8.67 -24.37 0.59
C ALA B 66 -8.56 -22.90 0.21
N LEU B 67 -9.59 -22.39 -0.45
CA LEU B 67 -9.63 -21.01 -0.87
C LEU B 67 -9.65 -20.11 0.36
N ILE B 68 -10.47 -20.47 1.35
CA ILE B 68 -10.58 -19.69 2.57
C ILE B 68 -9.27 -19.74 3.37
N ASP B 69 -8.66 -20.92 3.45
CA ASP B 69 -7.39 -21.08 4.18
C ASP B 69 -6.31 -20.21 3.55
N TYR B 70 -6.28 -20.20 2.23
CA TYR B 70 -5.30 -19.43 1.47
C TYR B 70 -5.44 -17.91 1.65
N ILE B 71 -6.63 -17.37 1.43
CA ILE B 71 -6.83 -15.94 1.54
C ILE B 71 -6.73 -15.37 2.97
N THR B 72 -6.84 -16.24 3.98
CA THR B 72 -6.74 -15.78 5.36
C THR B 72 -5.43 -16.22 6.02
N LYS B 73 -4.50 -16.77 5.23
CA LYS B 73 -3.23 -17.25 5.77
C LYS B 73 -2.38 -16.18 6.46
N THR B 74 -2.32 -15.00 5.86
CA THR B 74 -1.57 -13.88 6.41
C THR B 74 -2.32 -12.62 6.01
N PRO B 75 -1.86 -11.44 6.47
CA PRO B 75 -2.56 -10.23 6.07
C PRO B 75 -2.46 -10.06 4.56
N VAL B 76 -3.35 -9.26 4.00
CA VAL B 76 -3.36 -8.99 2.56
C VAL B 76 -3.51 -7.48 2.43
N VAL B 77 -3.38 -6.98 1.20
CA VAL B 77 -3.59 -5.57 0.97
C VAL B 77 -4.79 -5.46 0.04
N VAL B 78 -5.86 -4.83 0.50
CA VAL B 78 -7.03 -4.65 -0.36
C VAL B 78 -7.00 -3.22 -0.87
N MET B 79 -7.28 -3.05 -2.16
CA MET B 79 -7.27 -1.72 -2.73
C MET B 79 -8.30 -1.56 -3.82
N VAL B 80 -8.72 -0.33 -4.02
CA VAL B 80 -9.70 0.00 -5.04
C VAL B 80 -9.00 0.85 -6.09
N LEU B 81 -9.04 0.38 -7.34
CA LEU B 81 -8.40 1.08 -8.44
C LEU B 81 -9.47 1.74 -9.30
N GLU B 82 -9.23 2.99 -9.69
CA GLU B 82 -10.17 3.74 -10.51
C GLU B 82 -9.55 4.15 -11.83
N GLY B 83 -10.31 4.02 -12.91
CA GLY B 83 -9.80 4.39 -14.21
C GLY B 83 -10.69 3.92 -15.34
N ARG B 84 -10.35 4.36 -16.56
CA ARG B 84 -11.11 3.99 -17.74
C ARG B 84 -11.21 2.49 -17.91
N TYR B 85 -12.44 1.96 -17.90
CA TYR B 85 -12.68 0.53 -18.04
C TYR B 85 -11.79 -0.28 -17.11
N ALA B 86 -11.60 0.24 -15.90
CA ALA B 86 -10.74 -0.42 -14.91
C ALA B 86 -11.02 -1.89 -14.65
N VAL B 87 -12.29 -2.30 -14.60
CA VAL B 87 -12.56 -3.70 -14.33
C VAL B 87 -11.90 -4.65 -15.35
N GLU B 88 -12.19 -4.45 -16.63
CA GLU B 88 -11.59 -5.32 -17.64
C GLU B 88 -10.08 -5.14 -17.78
N VAL B 89 -9.62 -3.90 -17.63
CA VAL B 89 -8.19 -3.61 -17.74
C VAL B 89 -7.38 -4.31 -16.66
N VAL B 90 -7.86 -4.27 -15.43
CA VAL B 90 -7.15 -4.91 -14.33
C VAL B 90 -7.16 -6.43 -14.50
N ARG B 91 -8.27 -6.98 -14.98
CA ARG B 91 -8.36 -8.42 -15.20
C ARG B 91 -7.33 -8.83 -16.25
N LYS B 92 -7.16 -7.99 -17.26
CA LYS B 92 -6.20 -8.25 -18.33
C LYS B 92 -4.78 -8.21 -17.77
N MET B 93 -4.50 -7.21 -16.93
CA MET B 93 -3.19 -7.07 -16.32
C MET B 93 -2.87 -8.24 -15.39
N ALA B 94 -3.91 -8.80 -14.76
CA ALA B 94 -3.72 -9.91 -13.84
C ALA B 94 -3.25 -11.17 -14.57
N GLY B 95 -3.89 -11.46 -15.71
CA GLY B 95 -3.52 -12.64 -16.47
C GLY B 95 -4.34 -13.85 -16.10
N ALA B 96 -4.09 -14.98 -16.77
CA ALA B 96 -4.81 -16.22 -16.53
C ALA B 96 -4.89 -16.61 -15.06
N THR B 97 -6.03 -17.19 -14.68
CA THR B 97 -6.29 -17.63 -13.31
C THR B 97 -5.16 -18.47 -12.71
N ASP B 98 -4.74 -19.49 -13.45
CA ASP B 98 -3.65 -20.34 -12.99
C ASP B 98 -2.38 -19.69 -13.56
N PRO B 99 -1.50 -19.19 -12.69
CA PRO B 99 -0.25 -18.54 -13.12
C PRO B 99 0.58 -19.28 -14.15
N LYS B 100 0.53 -20.61 -14.16
CA LYS B 100 1.33 -21.35 -15.13
C LYS B 100 0.85 -21.05 -16.55
N ASP B 101 -0.42 -20.70 -16.67
CA ASP B 101 -1.02 -20.40 -17.98
C ASP B 101 -0.99 -18.91 -18.32
N ALA B 102 -0.62 -18.08 -17.34
CA ALA B 102 -0.58 -16.64 -17.53
C ALA B 102 0.56 -16.20 -18.44
N ALA B 103 0.27 -15.26 -19.34
CA ALA B 103 1.26 -14.76 -20.28
C ALA B 103 2.32 -13.87 -19.64
N PRO B 104 3.57 -13.98 -20.12
CA PRO B 104 4.64 -13.14 -19.57
C PRO B 104 4.21 -11.69 -19.78
N GLY B 105 4.43 -10.85 -18.77
CA GLY B 105 4.03 -9.46 -18.90
C GLY B 105 2.87 -9.14 -17.97
N THR B 106 2.07 -10.16 -17.67
CA THR B 106 0.94 -10.00 -16.76
C THR B 106 1.48 -10.21 -15.34
N ILE B 107 0.70 -9.81 -14.34
CA ILE B 107 1.13 -9.96 -12.96
C ILE B 107 1.32 -11.44 -12.58
N ARG B 108 0.33 -12.27 -12.89
CA ARG B 108 0.44 -13.68 -12.58
C ARG B 108 1.49 -14.34 -13.45
N GLY B 109 1.60 -13.88 -14.70
CA GLY B 109 2.58 -14.45 -15.61
C GLY B 109 4.01 -14.20 -15.16
N ASP B 110 4.27 -13.03 -14.61
CA ASP B 110 5.62 -12.70 -14.17
C ASP B 110 5.96 -13.15 -12.76
N PHE B 111 4.97 -13.19 -11.88
CA PHE B 111 5.22 -13.53 -10.47
C PHE B 111 4.67 -14.82 -9.90
N GLY B 112 3.68 -15.43 -10.55
CA GLY B 112 3.11 -16.64 -9.98
C GLY B 112 3.43 -17.94 -10.68
N LEU B 113 3.37 -19.03 -9.92
CA LEU B 113 3.64 -20.36 -10.46
C LEU B 113 3.32 -21.46 -9.45
N GLU B 114 4.01 -21.46 -8.32
CA GLU B 114 3.81 -22.48 -7.31
C GLU B 114 2.43 -22.41 -6.67
N VAL B 115 1.93 -23.57 -6.25
CA VAL B 115 0.62 -23.63 -5.63
C VAL B 115 0.63 -24.50 -4.38
N SER B 116 -0.40 -24.33 -3.55
CA SER B 116 -0.54 -25.10 -2.32
C SER B 116 -1.76 -25.97 -2.57
N ASP B 117 -2.63 -26.10 -1.57
CA ASP B 117 -3.85 -26.88 -1.77
C ASP B 117 -4.73 -26.01 -2.67
N ALA B 118 -4.44 -24.71 -2.68
CA ALA B 118 -5.18 -23.75 -3.49
C ALA B 118 -4.29 -23.23 -4.62
N ILE B 119 -4.91 -22.78 -5.71
CA ILE B 119 -4.14 -22.26 -6.84
C ILE B 119 -3.70 -20.82 -6.53
N CYS B 120 -2.61 -20.70 -5.78
CA CYS B 120 -2.08 -19.39 -5.40
C CYS B 120 -1.81 -18.58 -6.67
N ASN B 121 -2.43 -17.40 -6.76
CA ASN B 121 -2.24 -16.60 -7.97
C ASN B 121 -1.98 -15.11 -7.79
N VAL B 122 -1.18 -14.78 -6.77
CA VAL B 122 -0.74 -13.42 -6.51
C VAL B 122 -1.76 -12.35 -6.13
N ILE B 123 -2.76 -12.15 -6.97
CA ILE B 123 -3.78 -11.15 -6.69
C ILE B 123 -5.18 -11.58 -7.09
N HIS B 124 -6.15 -10.83 -6.59
CA HIS B 124 -7.55 -11.03 -6.93
C HIS B 124 -7.93 -9.77 -7.68
N ALA B 125 -8.77 -9.91 -8.70
CA ALA B 125 -9.25 -8.77 -9.46
C ALA B 125 -10.73 -9.03 -9.71
N SER B 126 -11.58 -8.04 -9.45
CA SER B 126 -13.02 -8.20 -9.66
C SER B 126 -13.27 -8.69 -11.08
N ASP B 127 -14.19 -9.64 -11.24
CA ASP B 127 -14.47 -10.19 -12.57
C ASP B 127 -15.49 -9.40 -13.38
N SER B 128 -16.21 -8.49 -12.75
CA SER B 128 -17.21 -7.69 -13.45
C SER B 128 -17.55 -6.43 -12.67
N LYS B 129 -18.26 -5.50 -13.30
CA LYS B 129 -18.66 -4.27 -12.63
C LYS B 129 -19.58 -4.61 -11.47
N GLU B 130 -20.43 -5.60 -11.67
CA GLU B 130 -21.35 -6.03 -10.63
C GLU B 130 -20.60 -6.58 -9.42
N SER B 131 -19.64 -7.47 -9.69
CA SER B 131 -18.85 -8.06 -8.62
C SER B 131 -17.98 -7.01 -7.94
N ALA B 132 -17.47 -6.07 -8.73
CA ALA B 132 -16.64 -5.00 -8.20
C ALA B 132 -17.40 -4.18 -7.15
N GLU B 133 -18.62 -3.80 -7.47
CA GLU B 133 -19.42 -3.01 -6.54
C GLU B 133 -19.67 -3.77 -5.24
N ARG B 134 -19.98 -5.05 -5.35
CA ARG B 134 -20.25 -5.89 -4.18
C ARG B 134 -19.00 -6.03 -3.33
N GLU B 135 -17.88 -6.36 -3.98
CA GLU B 135 -16.61 -6.56 -3.30
C GLU B 135 -16.09 -5.29 -2.63
N ILE B 136 -16.20 -4.16 -3.32
CA ILE B 136 -15.73 -2.90 -2.76
C ILE B 136 -16.49 -2.57 -1.48
N SER B 137 -17.81 -2.76 -1.51
CA SER B 137 -18.65 -2.48 -0.34
C SER B 137 -18.36 -3.44 0.80
N LEU B 138 -17.92 -4.64 0.45
CA LEU B 138 -17.61 -5.66 1.43
C LEU B 138 -16.36 -5.31 2.26
N PHE B 139 -15.37 -4.73 1.61
CA PHE B 139 -14.12 -4.36 2.29
C PHE B 139 -13.94 -2.91 2.68
N PHE B 140 -14.65 -2.00 2.01
CA PHE B 140 -14.49 -0.57 2.32
C PHE B 140 -15.76 0.17 2.69
N LYS B 141 -15.60 1.17 3.54
CA LYS B 141 -16.70 2.04 3.94
C LYS B 141 -16.49 3.26 3.04
N PRO B 142 -17.56 4.00 2.72
CA PRO B 142 -17.42 5.18 1.87
C PRO B 142 -16.34 6.16 2.32
N GLU B 143 -16.20 6.32 3.64
CA GLU B 143 -15.22 7.24 4.19
C GLU B 143 -13.78 6.82 3.91
N GLU B 144 -13.59 5.61 3.41
CA GLU B 144 -12.26 5.09 3.12
C GLU B 144 -11.88 5.20 1.65
N LEU B 145 -12.77 5.78 0.84
CA LEU B 145 -12.54 5.94 -0.59
C LEU B 145 -12.44 7.43 -0.88
N PHE B 146 -11.45 7.82 -1.69
CA PHE B 146 -11.25 9.24 -1.96
C PHE B 146 -11.26 9.70 -3.41
N GLU B 147 -11.57 10.98 -3.58
CA GLU B 147 -11.62 11.63 -4.88
C GLU B 147 -10.52 12.69 -4.83
N TYR B 148 -9.46 12.49 -5.61
CA TYR B 148 -8.36 13.44 -5.62
C TYR B 148 -7.65 13.36 -6.97
N PRO B 149 -6.89 14.39 -7.32
CA PRO B 149 -6.18 14.40 -8.60
C PRO B 149 -4.82 13.70 -8.63
N ARG B 150 -4.60 12.90 -9.67
CA ARG B 150 -3.31 12.28 -9.87
C ARG B 150 -2.62 13.33 -10.74
N ALA B 151 -1.29 13.32 -10.76
CA ALA B 151 -0.53 14.31 -11.52
C ALA B 151 -1.02 14.67 -12.92
N ALA B 152 -1.22 13.65 -13.75
CA ALA B 152 -1.61 13.90 -15.14
C ALA B 152 -3.10 13.99 -15.45
N ASP B 153 -3.95 13.97 -14.43
CA ASP B 153 -5.40 14.04 -14.67
C ASP B 153 -5.80 15.19 -15.58
N TRP B 154 -5.18 16.36 -15.40
CA TRP B 154 -5.48 17.55 -16.20
C TRP B 154 -5.25 17.38 -17.69
N PHE B 155 -4.29 16.53 -18.05
CA PHE B 155 -3.96 16.30 -19.45
C PHE B 155 -5.11 15.71 -20.26
N TYR B 156 -5.90 14.85 -19.64
CA TYR B 156 -6.99 14.19 -20.35
C TYR B 156 -8.33 14.91 -20.33
N LYS B 157 -8.36 16.11 -19.76
CA LYS B 157 -9.60 16.88 -19.70
C LYS B 157 -10.20 17.03 -21.09
#